data_8A0I
#
_entry.id   8A0I
#
_cell.length_a   56.62
_cell.length_b   56.62
_cell.length_c   181.79
_cell.angle_alpha   90
_cell.angle_beta   90
_cell.angle_gamma   90
#
_symmetry.space_group_name_H-M   'P 41 21 2'
#
loop_
_entity.id
_entity.type
_entity.pdbx_description
1 polymer 'Glutathione transferase'
2 non-polymer L-gamma-glutamyl-S-(2-biphenyl-4-yl-2-oxoethyl)-L-cysteinylglycine
3 water water
#
_entity_poly.entity_id   1
_entity_poly.type   'polypeptide(L)'
_entity_poly.pdbx_seq_one_letter_code
;MADVKLHGSWVSPFNYRVIWALKLKGVEFEHIVEDLTNKSELLLKYNPVYKKIPVLVHGGKPIAESLVILEYIEETWPEN
PLLPTDPYERAMARFWIQYGATKTAAFGALFRASGEELEKAAKEVVEVLRVLEEQGLGDKKFFGGDSINLVDISFGLFTC
WLEAIEEAAGVKVLEPSTLPRLHAWAQNFIEVPLIKENIPDYDKLLLHMKGVREKMMNK
;
_entity_poly.pdbx_strand_id   A
#
loop_
_chem_comp.id
_chem_comp.type
_chem_comp.name
_chem_comp.formula
CNZ non-polymer L-gamma-glutamyl-S-(2-biphenyl-4-yl-2-oxoethyl)-L-cysteinylglycine 'C24 H28 N3 O7 S 1'
#
# COMPACT_ATOMS: atom_id res chain seq x y z
N ASP A 3 15.93 10.16 16.07
CA ASP A 3 14.69 10.79 16.50
C ASP A 3 13.47 10.07 15.92
N VAL A 4 13.60 9.52 14.71
CA VAL A 4 12.52 8.77 14.08
C VAL A 4 13.03 7.37 13.76
N LYS A 5 12.31 6.34 14.24
CA LYS A 5 12.61 4.94 13.96
C LYS A 5 11.40 4.30 13.29
N LEU A 6 11.64 3.38 12.38
CA LEU A 6 10.56 2.66 11.72
C LEU A 6 10.79 1.18 11.87
N HIS A 7 9.93 0.50 12.65
CA HIS A 7 10.02 -0.95 12.79
C HIS A 7 9.27 -1.48 11.60
N GLY A 8 9.98 -2.12 10.70
CA GLY A 8 9.38 -2.56 9.45
C GLY A 8 9.88 -3.86 8.89
N SER A 9 9.82 -3.94 7.59
CA SER A 9 10.18 -5.13 6.86
C SER A 9 10.60 -4.75 5.43
N TRP A 10 11.30 -5.67 4.78
N TRP A 10 11.31 -5.66 4.77
CA TRP A 10 11.79 -5.52 3.41
CA TRP A 10 11.76 -5.43 3.41
C TRP A 10 10.69 -5.77 2.37
C TRP A 10 10.69 -5.77 2.35
N VAL A 11 9.59 -6.45 2.73
CA VAL A 11 8.55 -6.79 1.76
C VAL A 11 7.15 -6.19 2.03
N SER A 12 6.87 -5.77 3.25
CA SER A 12 5.52 -5.29 3.60
C SER A 12 5.10 -4.08 2.79
N PRO A 13 3.96 -4.13 2.08
CA PRO A 13 3.49 -2.91 1.40
C PRO A 13 3.10 -1.81 2.41
N PHE A 14 2.69 -2.22 3.61
CA PHE A 14 2.29 -1.27 4.66
C PHE A 14 3.50 -0.49 5.17
N ASN A 15 4.64 -1.16 5.26
CA ASN A 15 5.87 -0.50 5.67
C ASN A 15 6.31 0.48 4.57
N TYR A 16 6.19 0.06 3.29
CA TYR A 16 6.59 0.93 2.19
C TYR A 16 5.75 2.22 2.14
N ARG A 17 4.47 2.17 2.54
CA ARG A 17 3.66 3.40 2.60
C ARG A 17 4.34 4.45 3.49
N VAL A 18 4.85 3.99 4.64
CA VAL A 18 5.50 4.87 5.60
C VAL A 18 6.82 5.36 5.06
N ILE A 19 7.63 4.48 4.44
CA ILE A 19 8.92 4.91 3.85
C ILE A 19 8.68 6.03 2.84
N TRP A 20 7.71 5.83 1.93
CA TRP A 20 7.39 6.85 0.93
C TRP A 20 7.00 8.19 1.56
N ALA A 21 6.16 8.16 2.59
CA ALA A 21 5.69 9.39 3.22
C ALA A 21 6.89 10.10 3.88
N LEU A 22 7.73 9.35 4.59
CA LEU A 22 8.90 9.96 5.28
C LEU A 22 9.86 10.56 4.25
N LYS A 23 10.09 9.84 3.13
CA LYS A 23 11.02 10.36 2.11
C LYS A 23 10.46 11.56 1.38
N LEU A 24 9.13 11.63 1.19
CA LEU A 24 8.48 12.79 0.58
C LEU A 24 8.58 14.02 1.50
N LYS A 25 8.64 13.80 2.81
CA LYS A 25 8.79 14.89 3.77
C LYS A 25 10.27 15.24 4.04
N GLY A 26 11.21 14.41 3.58
CA GLY A 26 12.63 14.62 3.81
C GLY A 26 13.03 14.33 5.25
N VAL A 27 12.30 13.40 5.90
CA VAL A 27 12.55 13.03 7.29
C VAL A 27 13.53 11.90 7.41
N GLU A 28 14.64 12.14 8.13
CA GLU A 28 15.64 11.13 8.36
C GLU A 28 15.09 10.09 9.35
N PHE A 29 15.36 8.81 9.11
CA PHE A 29 14.86 7.76 10.01
C PHE A 29 15.75 6.54 10.01
N GLU A 30 15.69 5.78 11.09
CA GLU A 30 16.41 4.53 11.18
C GLU A 30 15.39 3.40 10.92
N HIS A 31 15.70 2.52 9.98
CA HIS A 31 14.83 1.40 9.66
C HIS A 31 15.29 0.17 10.47
N ILE A 32 14.38 -0.40 11.26
CA ILE A 32 14.63 -1.56 12.11
C ILE A 32 13.78 -2.72 11.58
N VAL A 33 14.40 -3.65 10.84
CA VAL A 33 13.65 -4.74 10.24
C VAL A 33 13.31 -5.79 11.30
N GLU A 34 12.03 -6.12 11.40
CA GLU A 34 11.53 -7.08 12.36
C GLU A 34 11.40 -8.47 11.76
N ASP A 35 11.73 -9.49 12.55
CA ASP A 35 11.55 -10.87 12.15
C ASP A 35 10.22 -11.21 12.80
N LEU A 36 9.17 -11.41 12.01
CA LEU A 36 7.83 -11.65 12.54
C LEU A 36 7.67 -13.03 13.20
N THR A 37 8.61 -13.97 12.98
CA THR A 37 8.57 -15.25 13.69
C THR A 37 9.23 -15.13 15.10
N ASN A 38 9.90 -14.00 15.40
CA ASN A 38 10.60 -13.74 16.67
C ASN A 38 10.58 -12.22 16.90
N LYS A 39 9.39 -11.68 17.17
CA LYS A 39 9.18 -10.25 17.36
C LYS A 39 9.97 -9.66 18.49
N SER A 40 10.63 -8.52 18.25
CA SER A 40 11.43 -7.86 19.27
C SER A 40 10.62 -7.45 20.49
N GLU A 41 11.30 -7.25 21.64
CA GLU A 41 10.63 -6.78 22.84
C GLU A 41 10.07 -5.37 22.60
N LEU A 42 10.79 -4.53 21.84
CA LEU A 42 10.33 -3.17 21.52
C LEU A 42 9.04 -3.23 20.70
N LEU A 43 8.95 -4.12 19.68
CA LEU A 43 7.71 -4.22 18.89
C LEU A 43 6.49 -4.58 19.76
N LEU A 44 6.66 -5.56 20.66
CA LEU A 44 5.56 -5.99 21.52
C LEU A 44 5.17 -4.90 22.53
N LYS A 45 6.13 -4.10 22.96
CA LYS A 45 5.89 -3.01 23.89
C LYS A 45 5.20 -1.85 23.18
N TYR A 46 5.66 -1.54 21.96
CA TYR A 46 5.15 -0.41 21.20
C TYR A 46 3.80 -0.66 20.57
N ASN A 47 3.52 -1.90 20.21
CA ASN A 47 2.25 -2.22 19.56
C ASN A 47 1.58 -3.44 20.22
N PRO A 48 1.17 -3.32 21.50
CA PRO A 48 0.52 -4.46 22.18
C PRO A 48 -0.84 -4.85 21.62
N VAL A 49 -1.60 -3.90 21.04
CA VAL A 49 -2.92 -4.23 20.51
C VAL A 49 -2.87 -5.17 19.31
N TYR A 50 -2.01 -4.89 18.31
CA TYR A 50 -1.96 -5.72 17.10
C TYR A 50 -0.71 -6.60 16.94
N LYS A 51 0.42 -6.18 17.54
CA LYS A 51 1.70 -6.88 17.43
C LYS A 51 2.15 -6.96 15.95
N LYS A 52 1.89 -5.89 15.21
CA LYS A 52 2.22 -5.84 13.80
C LYS A 52 3.18 -4.72 13.45
N ILE A 53 3.81 -4.84 12.28
CA ILE A 53 4.58 -3.75 11.70
C ILE A 53 3.71 -3.16 10.58
N PRO A 54 3.92 -1.89 10.18
CA PRO A 54 4.93 -0.96 10.70
C PRO A 54 4.55 -0.31 12.02
N VAL A 55 5.57 0.17 12.73
CA VAL A 55 5.40 1.02 13.89
C VAL A 55 6.39 2.16 13.74
N LEU A 56 5.91 3.41 13.77
CA LEU A 56 6.79 4.57 13.73
C LEU A 56 7.04 4.97 15.19
N VAL A 57 8.27 5.34 15.52
CA VAL A 57 8.59 5.77 16.88
C VAL A 57 9.22 7.13 16.73
N HIS A 58 8.58 8.15 17.29
CA HIS A 58 9.06 9.52 17.13
C HIS A 58 9.24 10.11 18.51
N GLY A 59 10.48 10.45 18.85
CA GLY A 59 10.77 10.92 20.21
C GLY A 59 10.45 9.87 21.26
N GLY A 60 10.59 8.60 20.90
CA GLY A 60 10.33 7.47 21.77
C GLY A 60 8.87 7.10 21.93
N LYS A 61 7.96 7.80 21.22
CA LYS A 61 6.51 7.55 21.31
C LYS A 61 6.06 6.80 20.08
N PRO A 62 5.37 5.67 20.26
CA PRO A 62 5.02 4.83 19.09
C PRO A 62 3.67 5.13 18.43
N ILE A 63 3.62 4.96 17.12
CA ILE A 63 2.38 5.13 16.36
C ILE A 63 2.28 3.88 15.51
N ALA A 64 1.25 3.05 15.74
CA ALA A 64 1.03 1.83 14.95
C ALA A 64 -0.09 2.09 13.92
N GLU A 65 -0.19 1.21 12.89
CA GLU A 65 -1.18 1.21 11.81
C GLU A 65 -0.79 2.20 10.74
N SER A 66 -0.46 1.68 9.55
CA SER A 66 0.06 2.50 8.45
C SER A 66 -0.79 3.71 8.14
N LEU A 67 -2.13 3.56 8.10
CA LEU A 67 -2.97 4.73 7.82
C LEU A 67 -2.92 5.81 8.90
N VAL A 68 -2.81 5.37 10.17
CA VAL A 68 -2.69 6.29 11.28
C VAL A 68 -1.31 6.99 11.20
N ILE A 69 -0.25 6.21 10.91
CA ILE A 69 1.10 6.76 10.76
C ILE A 69 1.15 7.82 9.66
N LEU A 70 0.52 7.52 8.52
CA LEU A 70 0.52 8.47 7.39
C LEU A 70 -0.11 9.81 7.78
N GLU A 71 -1.26 9.78 8.49
CA GLU A 71 -1.88 11.05 8.89
C GLU A 71 -1.02 11.78 9.93
N TYR A 72 -0.34 11.04 10.81
CA TYR A 72 0.55 11.63 11.82
C TYR A 72 1.71 12.34 11.11
N ILE A 73 2.28 11.69 10.08
CA ILE A 73 3.39 12.29 9.34
C ILE A 73 2.92 13.57 8.66
N GLU A 74 1.73 13.54 8.04
CA GLU A 74 1.18 14.71 7.36
C GLU A 74 0.94 15.87 8.33
N GLU A 75 0.51 15.57 9.57
CA GLU A 75 0.27 16.62 10.54
C GLU A 75 1.54 17.13 11.22
N THR A 76 2.51 16.25 11.43
CA THR A 76 3.75 16.59 12.14
C THR A 76 4.73 17.34 11.26
N TRP A 77 4.81 16.96 9.96
CA TRP A 77 5.68 17.64 8.98
C TRP A 77 4.74 18.17 7.87
N PRO A 78 4.09 19.33 8.12
CA PRO A 78 3.08 19.81 7.17
C PRO A 78 3.59 20.33 5.83
N GLU A 79 4.87 20.70 5.73
CA GLU A 79 5.40 21.15 4.43
C GLU A 79 5.38 19.98 3.41
N ASN A 80 5.29 20.28 2.10
CA ASN A 80 5.18 19.26 1.03
C ASN A 80 3.87 18.47 1.31
N PRO A 81 2.70 19.15 1.30
CA PRO A 81 1.47 18.48 1.73
C PRO A 81 1.10 17.27 0.89
N LEU A 82 0.65 16.24 1.61
CA LEU A 82 0.16 15.00 1.01
C LEU A 82 -1.38 14.83 1.11
N LEU A 83 -2.08 15.89 1.54
CA LEU A 83 -3.53 15.94 1.52
C LEU A 83 -3.94 17.33 1.05
N PRO A 84 -5.09 17.43 0.39
CA PRO A 84 -5.56 18.76 -0.04
C PRO A 84 -5.97 19.65 1.14
N THR A 85 -6.17 20.95 0.90
CA THR A 85 -6.57 21.87 1.97
C THR A 85 -8.09 21.92 2.17
N ASP A 86 -8.83 21.78 1.08
CA ASP A 86 -10.30 21.88 1.14
C ASP A 86 -10.93 20.72 1.92
N PRO A 87 -11.78 20.99 2.92
CA PRO A 87 -12.40 19.87 3.67
C PRO A 87 -13.15 18.84 2.83
N TYR A 88 -13.89 19.27 1.79
CA TYR A 88 -14.62 18.29 0.97
C TYR A 88 -13.61 17.39 0.22
N GLU A 89 -12.54 17.98 -0.35
CA GLU A 89 -11.53 17.18 -1.05
C GLU A 89 -10.82 16.26 -0.07
N ARG A 90 -10.56 16.74 1.18
CA ARG A 90 -9.92 15.89 2.20
C ARG A 90 -10.84 14.72 2.55
N ALA A 91 -12.19 14.96 2.63
CA ALA A 91 -13.14 13.89 2.93
C ALA A 91 -13.14 12.86 1.81
N MET A 92 -13.07 13.31 0.55
CA MET A 92 -13.04 12.37 -0.57
C MET A 92 -11.77 11.50 -0.49
N ALA A 93 -10.64 12.11 -0.12
CA ALA A 93 -9.38 11.38 0.01
C ALA A 93 -9.51 10.32 1.09
N ARG A 94 -10.08 10.70 2.28
CA ARG A 94 -10.27 9.73 3.35
C ARG A 94 -11.23 8.63 2.95
N PHE A 95 -12.27 8.99 2.18
CA PHE A 95 -13.27 8.04 1.72
C PHE A 95 -12.59 6.95 0.88
N TRP A 96 -11.74 7.36 -0.08
CA TRP A 96 -11.10 6.38 -0.96
C TRP A 96 -10.05 5.57 -0.25
N ILE A 97 -9.32 6.19 0.69
CA ILE A 97 -8.35 5.44 1.50
C ILE A 97 -9.08 4.34 2.29
N GLN A 98 -10.24 4.70 2.88
N GLN A 98 -10.25 4.67 2.89
CA GLN A 98 -11.05 3.74 3.66
CA GLN A 98 -10.99 3.66 3.65
C GLN A 98 -11.57 2.62 2.74
C GLN A 98 -11.62 2.60 2.75
N TYR A 99 -11.97 2.97 1.51
CA TYR A 99 -12.48 2.00 0.55
C TYR A 99 -11.38 0.94 0.25
N GLY A 100 -10.15 1.40 0.01
CA GLY A 100 -9.04 0.49 -0.23
C GLY A 100 -8.78 -0.41 0.96
N ALA A 101 -8.80 0.17 2.17
CA ALA A 101 -8.57 -0.58 3.41
C ALA A 101 -9.59 -1.69 3.60
N THR A 102 -10.88 -1.42 3.31
CA THR A 102 -11.94 -2.41 3.47
C THR A 102 -11.86 -3.49 2.38
N LYS A 103 -11.56 -3.07 1.16
CA LYS A 103 -11.54 -3.99 0.01
C LYS A 103 -10.27 -4.81 -0.12
N THR A 104 -9.21 -4.47 0.62
CA THR A 104 -7.95 -5.24 0.55
C THR A 104 -8.19 -6.72 0.89
N ALA A 105 -9.14 -7.01 1.80
CA ALA A 105 -9.53 -8.38 2.18
C ALA A 105 -10.00 -9.22 0.99
N ALA A 106 -10.66 -8.60 0.00
CA ALA A 106 -11.17 -9.31 -1.19
C ALA A 106 -10.03 -9.97 -2.03
N PHE A 107 -8.81 -9.45 -1.90
CA PHE A 107 -7.64 -9.98 -2.59
C PHE A 107 -7.16 -11.33 -2.01
N GLY A 108 -7.54 -11.63 -0.76
CA GLY A 108 -7.16 -12.85 -0.07
C GLY A 108 -7.61 -14.09 -0.80
N ALA A 109 -8.82 -14.02 -1.40
CA ALA A 109 -9.39 -15.13 -2.17
C ALA A 109 -8.49 -15.55 -3.35
N LEU A 110 -7.62 -14.64 -3.85
CA LEU A 110 -6.71 -14.98 -4.95
C LEU A 110 -5.70 -16.07 -4.56
N PHE A 111 -5.42 -16.21 -3.25
CA PHE A 111 -4.48 -17.20 -2.73
C PHE A 111 -5.19 -18.36 -1.99
N ARG A 112 -6.51 -18.51 -2.17
CA ARG A 112 -7.32 -19.53 -1.51
C ARG A 112 -8.16 -20.35 -2.49
N ALA A 113 -8.55 -19.75 -3.63
CA ALA A 113 -9.40 -20.42 -4.60
C ALA A 113 -8.63 -21.10 -5.75
N SER A 114 -9.28 -22.05 -6.45
CA SER A 114 -8.70 -22.77 -7.59
C SER A 114 -9.64 -22.72 -8.80
N GLY A 115 -9.07 -22.78 -10.00
CA GLY A 115 -9.77 -22.80 -11.29
C GLY A 115 -11.03 -21.96 -11.40
N GLU A 116 -12.18 -22.61 -11.66
CA GLU A 116 -13.47 -21.93 -11.77
C GLU A 116 -14.07 -21.70 -10.39
N GLU A 117 -13.52 -20.69 -9.73
CA GLU A 117 -13.74 -20.13 -8.39
C GLU A 117 -12.68 -19.02 -8.21
N LEU A 118 -11.44 -19.28 -8.67
CA LEU A 118 -10.34 -18.33 -8.71
C LEU A 118 -10.64 -17.28 -9.80
N GLU A 119 -11.28 -17.67 -10.93
CA GLU A 119 -11.68 -16.76 -12.00
C GLU A 119 -12.72 -15.75 -11.44
N LYS A 120 -13.62 -16.24 -10.58
CA LYS A 120 -14.68 -15.51 -9.88
C LYS A 120 -14.06 -14.48 -8.92
N ALA A 121 -13.07 -14.91 -8.12
CA ALA A 121 -12.38 -14.03 -7.19
C ALA A 121 -11.65 -12.93 -7.96
N ALA A 122 -11.01 -13.28 -9.09
CA ALA A 122 -10.32 -12.30 -9.91
C ALA A 122 -11.29 -11.30 -10.51
N LYS A 123 -12.46 -11.75 -11.01
CA LYS A 123 -13.45 -10.81 -11.56
C LYS A 123 -14.00 -9.87 -10.48
N GLU A 124 -14.15 -10.36 -9.25
CA GLU A 124 -14.63 -9.54 -8.13
C GLU A 124 -13.59 -8.46 -7.80
N VAL A 125 -12.30 -8.83 -7.82
CA VAL A 125 -11.21 -7.86 -7.56
C VAL A 125 -11.14 -6.82 -8.71
N VAL A 126 -11.35 -7.26 -9.98
CA VAL A 126 -11.38 -6.31 -11.10
C VAL A 126 -12.52 -5.29 -10.89
N GLU A 127 -13.68 -5.74 -10.39
CA GLU A 127 -14.80 -4.82 -10.15
C GLU A 127 -14.48 -3.82 -9.03
N VAL A 128 -13.79 -4.26 -7.97
CA VAL A 128 -13.34 -3.36 -6.87
C VAL A 128 -12.42 -2.28 -7.47
N LEU A 129 -11.48 -2.69 -8.33
CA LEU A 129 -10.57 -1.75 -8.97
C LEU A 129 -11.25 -0.84 -9.97
N ARG A 130 -12.28 -1.36 -10.69
CA ARG A 130 -13.00 -0.54 -11.66
C ARG A 130 -13.74 0.59 -10.93
N VAL A 131 -14.33 0.32 -9.77
CA VAL A 131 -15.01 1.37 -8.99
C VAL A 131 -14.02 2.44 -8.59
N LEU A 132 -12.83 2.03 -8.12
CA LEU A 132 -11.77 2.93 -7.75
C LEU A 132 -11.31 3.79 -8.94
N GLU A 133 -11.18 3.16 -10.11
CA GLU A 133 -10.76 3.83 -11.31
C GLU A 133 -11.78 4.88 -11.80
N GLU A 134 -13.05 4.48 -11.94
N GLU A 134 -13.04 4.47 -11.92
CA GLU A 134 -14.08 5.35 -12.50
CA GLU A 134 -14.09 5.33 -12.44
C GLU A 134 -14.54 6.45 -11.52
C GLU A 134 -14.45 6.47 -11.50
N GLN A 135 -14.70 6.12 -10.23
CA GLN A 135 -15.18 7.08 -9.25
C GLN A 135 -14.11 7.76 -8.42
N GLY A 136 -12.93 7.17 -8.35
CA GLY A 136 -11.85 7.74 -7.56
C GLY A 136 -10.81 8.46 -8.37
N LEU A 137 -10.14 7.73 -9.28
CA LEU A 137 -9.08 8.33 -10.09
C LEU A 137 -9.65 9.27 -11.17
N GLY A 138 -10.63 8.77 -11.91
CA GLY A 138 -11.19 9.52 -13.03
C GLY A 138 -10.13 9.74 -14.09
N ASP A 139 -10.06 10.95 -14.64
CA ASP A 139 -9.09 11.32 -15.65
C ASP A 139 -7.82 11.97 -15.11
N LYS A 140 -7.61 11.93 -13.77
CA LYS A 140 -6.40 12.55 -13.21
C LYS A 140 -5.16 11.67 -13.44
N LYS A 141 -3.95 12.25 -13.47
CA LYS A 141 -2.74 11.43 -13.63
C LYS A 141 -2.54 10.59 -12.36
N PHE A 142 -2.70 11.24 -11.19
CA PHE A 142 -2.59 10.56 -9.90
C PHE A 142 -3.86 10.79 -9.05
N PHE A 143 -4.07 9.98 -8.00
CA PHE A 143 -5.20 10.23 -7.08
C PHE A 143 -5.06 11.65 -6.45
N GLY A 144 -3.82 12.14 -6.32
CA GLY A 144 -3.54 13.46 -5.82
C GLY A 144 -3.46 14.56 -6.89
N GLY A 145 -3.88 14.26 -8.10
CA GLY A 145 -3.88 15.22 -9.19
C GLY A 145 -2.63 15.12 -10.04
N ASP A 146 -1.81 16.19 -10.05
CA ASP A 146 -0.58 16.20 -10.83
C ASP A 146 0.65 15.62 -10.11
N SER A 147 0.51 15.29 -8.82
CA SER A 147 1.57 14.62 -8.08
C SER A 147 0.94 13.68 -7.04
N ILE A 148 1.73 12.72 -6.54
CA ILE A 148 1.21 11.73 -5.63
C ILE A 148 0.82 12.32 -4.26
N ASN A 149 -0.21 11.75 -3.65
CA ASN A 149 -0.61 12.17 -2.31
C ASN A 149 -0.85 10.94 -1.41
N LEU A 150 -1.48 11.11 -0.23
CA LEU A 150 -1.71 9.96 0.65
C LEU A 150 -2.60 8.91 0.01
N VAL A 151 -3.49 9.30 -0.92
CA VAL A 151 -4.37 8.33 -1.59
C VAL A 151 -3.54 7.45 -2.53
N ASP A 152 -2.65 8.06 -3.36
CA ASP A 152 -1.74 7.25 -4.20
C ASP A 152 -0.90 6.31 -3.35
N ILE A 153 -0.37 6.84 -2.21
CA ILE A 153 0.45 6.00 -1.32
C ILE A 153 -0.34 4.83 -0.79
N SER A 154 -1.58 5.06 -0.40
CA SER A 154 -2.43 3.98 0.13
C SER A 154 -2.76 2.92 -0.92
N PHE A 155 -2.76 3.30 -2.20
CA PHE A 155 -3.05 2.36 -3.29
C PHE A 155 -1.79 1.77 -3.92
N GLY A 156 -0.60 2.16 -3.45
CA GLY A 156 0.65 1.66 -4.01
C GLY A 156 0.79 0.16 -3.96
N LEU A 157 0.10 -0.50 -3.02
CA LEU A 157 0.13 -1.97 -2.97
C LEU A 157 -0.47 -2.61 -4.24
N PHE A 158 -1.30 -1.87 -5.01
CA PHE A 158 -1.88 -2.37 -6.25
C PHE A 158 -0.88 -2.29 -7.44
N THR A 159 0.38 -1.93 -7.19
CA THR A 159 1.38 -1.88 -8.24
C THR A 159 2.25 -3.19 -8.18
N CYS A 160 3.52 -3.16 -7.70
CA CYS A 160 4.37 -4.34 -7.77
C CYS A 160 3.91 -5.49 -6.88
N TRP A 161 3.26 -5.19 -5.74
CA TRP A 161 2.78 -6.26 -4.86
C TRP A 161 1.65 -7.01 -5.57
N LEU A 162 0.71 -6.29 -6.18
CA LEU A 162 -0.39 -6.96 -6.89
C LEU A 162 0.17 -7.71 -8.10
N GLU A 163 1.18 -7.17 -8.79
CA GLU A 163 1.80 -7.83 -9.95
C GLU A 163 2.36 -9.18 -9.54
N ALA A 164 3.01 -9.23 -8.36
CA ALA A 164 3.57 -10.44 -7.78
C ALA A 164 2.46 -11.43 -7.40
N ILE A 165 1.35 -10.94 -6.82
CA ILE A 165 0.21 -11.76 -6.47
C ILE A 165 -0.39 -12.39 -7.74
N GLU A 166 -0.50 -11.61 -8.82
CA GLU A 166 -1.05 -12.14 -10.08
C GLU A 166 -0.14 -13.25 -10.62
N GLU A 167 1.18 -13.05 -10.58
CA GLU A 167 2.11 -14.05 -11.06
C GLU A 167 2.10 -15.32 -10.19
N ALA A 168 2.09 -15.17 -8.85
CA ALA A 168 2.04 -16.30 -7.91
C ALA A 168 0.77 -17.14 -8.08
N ALA A 169 -0.37 -16.50 -8.30
CA ALA A 169 -1.66 -17.18 -8.42
C ALA A 169 -2.05 -17.62 -9.83
N GLY A 170 -1.36 -17.11 -10.83
CA GLY A 170 -1.64 -17.44 -12.21
C GLY A 170 -2.90 -16.79 -12.73
N VAL A 171 -3.25 -15.60 -12.19
CA VAL A 171 -4.44 -14.89 -12.66
C VAL A 171 -4.09 -13.46 -13.05
N LYS A 172 -4.93 -12.83 -13.89
CA LYS A 172 -4.72 -11.45 -14.27
C LYS A 172 -5.87 -10.60 -13.72
N VAL A 173 -5.53 -9.47 -13.14
CA VAL A 173 -6.49 -8.57 -12.56
C VAL A 173 -6.30 -7.16 -13.19
N LEU A 174 -5.16 -6.52 -12.96
CA LEU A 174 -4.97 -5.16 -13.45
C LEU A 174 -4.31 -5.20 -14.82
N GLU A 175 -5.15 -5.16 -15.87
CA GLU A 175 -4.69 -5.20 -17.27
C GLU A 175 -5.10 -3.92 -18.01
N PRO A 176 -4.32 -3.51 -19.02
CA PRO A 176 -4.68 -2.28 -19.75
C PRO A 176 -5.97 -2.33 -20.53
N SER A 177 -6.36 -3.51 -21.08
N SER A 177 -6.35 -3.50 -21.10
CA SER A 177 -7.62 -3.59 -21.84
CA SER A 177 -7.59 -3.54 -21.87
C SER A 177 -8.83 -3.39 -20.95
C SER A 177 -8.86 -3.48 -21.00
N THR A 178 -8.76 -3.94 -19.74
CA THR A 178 -9.91 -3.91 -18.83
C THR A 178 -9.96 -2.70 -17.92
N LEU A 179 -8.78 -2.22 -17.49
CA LEU A 179 -8.70 -1.04 -16.61
C LEU A 179 -7.66 -0.05 -17.19
N PRO A 180 -7.97 0.59 -18.34
CA PRO A 180 -6.96 1.43 -19.00
C PRO A 180 -6.36 2.55 -18.15
N ARG A 181 -7.24 3.31 -17.47
CA ARG A 181 -6.74 4.44 -16.67
C ARG A 181 -6.00 3.95 -15.43
N LEU A 182 -6.53 2.92 -14.74
CA LEU A 182 -5.83 2.44 -13.53
C LEU A 182 -4.47 1.81 -13.88
N HIS A 183 -4.42 1.09 -15.03
CA HIS A 183 -3.18 0.48 -15.46
C HIS A 183 -2.15 1.57 -15.82
N ALA A 184 -2.57 2.66 -16.46
CA ALA A 184 -1.66 3.77 -16.78
C ALA A 184 -1.18 4.42 -15.48
N TRP A 185 -2.10 4.56 -14.49
CA TRP A 185 -1.75 5.13 -13.18
C TRP A 185 -0.69 4.28 -12.51
N ALA A 186 -0.87 2.95 -12.50
CA ALA A 186 0.07 2.05 -11.84
C ALA A 186 1.48 2.20 -12.46
N GLN A 187 1.52 2.33 -13.80
CA GLN A 187 2.80 2.53 -14.48
C GLN A 187 3.40 3.88 -14.09
N ASN A 188 2.59 4.94 -14.10
CA ASN A 188 3.05 6.29 -13.76
C ASN A 188 3.55 6.36 -12.32
N PHE A 189 2.83 5.69 -11.41
CA PHE A 189 3.21 5.66 -9.98
C PHE A 189 4.61 5.03 -9.79
N ILE A 190 4.82 3.85 -10.40
CA ILE A 190 6.06 3.10 -10.32
C ILE A 190 7.23 3.87 -10.94
N GLU A 191 6.95 4.78 -11.89
CA GLU A 191 7.96 5.60 -12.57
C GLU A 191 8.31 6.85 -11.79
N VAL A 192 7.50 7.24 -10.76
CA VAL A 192 7.87 8.43 -9.94
C VAL A 192 9.21 8.13 -9.28
N PRO A 193 10.25 8.99 -9.46
CA PRO A 193 11.57 8.64 -8.93
C PRO A 193 11.58 8.20 -7.46
N LEU A 194 10.83 8.90 -6.59
CA LEU A 194 10.75 8.52 -5.17
C LEU A 194 10.25 7.07 -5.00
N ILE A 195 9.27 6.64 -5.82
CA ILE A 195 8.76 5.26 -5.73
C ILE A 195 9.75 4.29 -6.35
N LYS A 196 10.24 4.60 -7.55
CA LYS A 196 11.21 3.76 -8.28
C LYS A 196 12.43 3.40 -7.42
N GLU A 197 12.96 4.37 -6.66
CA GLU A 197 14.11 4.15 -5.79
C GLU A 197 13.78 3.49 -4.45
N ASN A 198 12.48 3.28 -4.16
CA ASN A 198 12.08 2.72 -2.88
C ASN A 198 10.96 1.68 -3.04
N ILE A 199 11.28 0.58 -3.72
CA ILE A 199 10.35 -0.53 -3.87
C ILE A 199 11.15 -1.80 -3.66
N PRO A 200 10.53 -2.86 -3.13
CA PRO A 200 11.29 -4.13 -2.99
C PRO A 200 11.72 -4.67 -4.36
N ASP A 201 12.80 -5.48 -4.38
CA ASP A 201 13.24 -6.13 -5.62
C ASP A 201 12.12 -7.10 -6.06
N TYR A 202 11.69 -7.03 -7.33
CA TYR A 202 10.56 -7.84 -7.78
C TYR A 202 10.78 -9.35 -7.57
N ASP A 203 11.97 -9.88 -7.89
CA ASP A 203 12.23 -11.32 -7.72
C ASP A 203 12.08 -11.75 -6.27
N LYS A 204 12.55 -10.93 -5.32
CA LYS A 204 12.41 -11.24 -3.91
C LYS A 204 10.95 -11.14 -3.47
N LEU A 205 10.22 -10.16 -4.00
CA LEU A 205 8.81 -9.97 -3.66
C LEU A 205 7.99 -11.15 -4.19
N LEU A 206 8.27 -11.59 -5.41
CA LEU A 206 7.57 -12.72 -6.02
C LEU A 206 7.80 -13.99 -5.20
N LEU A 207 9.04 -14.21 -4.73
CA LEU A 207 9.37 -15.38 -3.91
C LEU A 207 8.56 -15.35 -2.60
N HIS A 208 8.45 -14.16 -1.98
CA HIS A 208 7.67 -13.99 -0.78
C HIS A 208 6.19 -14.30 -1.04
N MET A 209 5.63 -13.78 -2.14
CA MET A 209 4.22 -14.02 -2.47
C MET A 209 3.93 -15.50 -2.74
N LYS A 210 4.84 -16.19 -3.44
CA LYS A 210 4.66 -17.63 -3.68
C LYS A 210 4.60 -18.41 -2.36
N GLY A 211 5.39 -18.00 -1.37
CA GLY A 211 5.41 -18.60 -0.05
C GLY A 211 4.13 -18.33 0.73
N VAL A 212 3.59 -17.09 0.66
CA VAL A 212 2.34 -16.74 1.33
C VAL A 212 1.21 -17.58 0.74
N ARG A 213 1.20 -17.75 -0.60
CA ARG A 213 0.19 -18.55 -1.30
C ARG A 213 0.28 -20.02 -0.91
N GLU A 214 1.51 -20.54 -0.76
CA GLU A 214 1.72 -21.93 -0.35
C GLU A 214 1.12 -22.18 1.03
N LYS A 215 1.30 -21.22 1.94
CA LYS A 215 0.76 -21.27 3.31
C LYS A 215 -0.77 -21.22 3.31
N MET A 216 -1.37 -20.33 2.51
CA MET A 216 -2.83 -20.22 2.44
C MET A 216 -3.49 -21.28 1.52
N MET A 217 -2.68 -22.11 0.82
CA MET A 217 -3.09 -23.16 -0.12
C MET A 217 -3.82 -22.61 -1.33
N1 CNZ B . -3.51 -2.72 8.96
N1 CNZ B . -3.48 -2.64 9.22
CA1 CNZ B . -2.05 -2.88 9.22
CA1 CNZ B . -2.00 -2.80 9.35
C1 CNZ B . -1.35 -1.65 8.66
C1 CNZ B . -1.30 -1.55 8.83
O11 CNZ B . -0.33 -1.27 9.39
O11 CNZ B . -1.92 -0.98 7.82
CB1 CNZ B . -1.54 -4.17 8.60
CB1 CNZ B . -1.54 -4.07 8.62
CG1 CNZ B . -0.13 -4.55 9.05
CG1 CNZ B . -0.07 -4.38 8.84
CD1 CNZ B . 0.37 -5.85 8.50
CD1 CNZ B . 0.26 -5.85 8.67
OE1 CNZ B . -0.31 -6.56 7.75
OE1 CNZ B . -0.58 -6.67 8.30
O12 CNZ B . -1.71 -1.11 7.64
O12 CNZ B . -0.26 -1.14 9.30
N2 CNZ B . 1.61 -6.19 8.86
N2 CNZ B . 1.53 -6.19 8.94
CA2 CNZ B . 2.07 -7.57 8.89
CA2 CNZ B . 2.01 -7.55 8.84
C2 CNZ B . 2.41 -7.97 10.32
C2 CNZ B . 2.42 -8.07 10.22
O2 CNZ B . 3.20 -7.32 10.99
O2 CNZ B . 3.01 -7.34 11.00
CB2 CNZ B . 3.33 -7.74 8.03
CB2 CNZ B . 3.23 -7.66 7.91
SG2 CNZ B . 3.00 -7.27 6.31
SG2 CNZ B . 2.86 -7.09 6.23
CZ4 CNZ B . -1.76 -11.20 -0.45
CZ4 CNZ B . -0.69 -6.55 -1.33
CE4 CNZ B . -2.72 -11.84 -1.22
CE4 CNZ B . -1.47 -6.15 -2.41
CD4 CNZ B . -3.63 -12.69 -0.64
CD4 CNZ B . -2.81 -6.43 -2.44
CG4 CNZ B . -3.58 -12.91 0.72
CG4 CNZ B . -3.40 -7.09 -1.38
CB4 CNZ B . -2.63 -12.27 1.50
CB4 CNZ B . -2.64 -7.49 -0.30
CH4 CNZ B . -1.70 -11.41 0.92
CH4 CNZ B . -1.27 -7.23 -0.25
CH5 CNZ B . -0.68 -10.72 1.75
CH5 CNZ B . -0.43 -7.71 0.88
CB5 CNZ B . 0.43 -10.12 1.16
CB5 CNZ B . 0.90 -8.10 0.68
CG5 CNZ B . 1.40 -9.48 1.92
CG5 CNZ B . 1.70 -8.49 1.73
CD5 CNZ B . 1.29 -9.44 3.31
CD5 CNZ B . 1.21 -8.49 3.03
CE5 CNZ B . 0.18 -10.02 3.91
CE5 CNZ B . -0.12 -8.14 3.25
CZ5 CNZ B . -0.79 -10.66 3.14
CZ5 CNZ B . -0.93 -7.76 2.18
O5 CNZ B . 3.31 -8.23 3.56
O5 CNZ B . 3.19 -9.38 3.99
N3 CNZ B . 1.83 -9.09 10.77
N3 CNZ B . 2.15 -9.35 10.49
CA3 CNZ B . 2.22 -9.67 12.04
CA3 CNZ B . 2.18 -9.86 11.84
C3 CNZ B . 2.42 -11.17 11.95
C3 CNZ B . 2.35 -11.35 11.95
C13 CNZ B . 2.25 -8.78 5.62
C13 CNZ B . 1.73 -8.35 5.57
O31 CNZ B . 3.03 -11.72 11.05
O31 CNZ B . 2.94 -11.89 12.87
C14 CNZ B . 2.35 -8.76 4.10
C14 CNZ B . 2.12 -8.80 4.17
O32 CNZ B . 1.85 -11.79 12.95
O32 CNZ B . 1.80 -12.04 10.96
#